data_8AOM
#
_entry.id   8AOM
#
_cell.length_a   149.512
_cell.length_b   149.512
_cell.length_c   149.512
_cell.angle_alpha   90.000
_cell.angle_beta   90.000
_cell.angle_gamma   90.000
#
_symmetry.space_group_name_H-M   'I 21 3'
#
loop_
_entity.id
_entity.type
_entity.pdbx_description
1 polymer 'Programmed cell death 1 ligand 1'
2 polymer VHH6
3 non-polymer 'MAGNESIUM ION'
4 water water
#
loop_
_entity_poly.entity_id
_entity_poly.type
_entity_poly.pdbx_seq_one_letter_code
_entity_poly.pdbx_strand_id
1 'polypeptide(L)'
;MFTVTVPKDLYVVEYGSNMTIECKFPVEKQLDLAALIVYWEMEDKNIIQFVHGEEDLKVQHSSYRQRARLLKDQLSLGNA
ALQITDVKLQDAGVYRCMISYGGADYKRITVKVNAPYNKINQRILVVDPVTSEHELTCQAEGYPKAEVIWTSSDHQVLSG
KTTTTNSKREEKLFNVTSTLRINTTTNEIFYCTFRRLDPEENHTAELVIPELPLAHPPNERT
;
A
2 'polypeptide(L)'
;GEVQLVESGGGLVQAGGSLRLSCAASGSISSRDVMRWYRQAPGKQRELVASISSGGGTYYVDSVKGRFTISRDNAENTLY
LQMNSLKPEDTAVYYCWDLGHRPYFKDYWGQGTQVTVSS
;
V
#
# COMPACT_ATOMS: atom_id res chain seq x y z
N MET A 1 4.49 -25.48 3.72
CA MET A 1 5.02 -24.10 3.59
C MET A 1 4.17 -23.13 4.42
N PHE A 2 4.79 -22.05 4.88
CA PHE A 2 4.08 -20.82 5.33
C PHE A 2 3.68 -20.06 4.07
N THR A 3 2.37 -19.92 3.85
CA THR A 3 1.79 -19.33 2.61
C THR A 3 0.85 -18.20 2.99
N VAL A 4 1.05 -17.04 2.35
CA VAL A 4 0.14 -15.87 2.41
C VAL A 4 -1.03 -16.16 1.47
N THR A 5 -2.24 -16.08 1.99
CA THR A 5 -3.50 -16.25 1.22
C THR A 5 -4.12 -14.88 0.93
N VAL A 6 -4.77 -14.76 -0.22
CA VAL A 6 -5.55 -13.56 -0.61
C VAL A 6 -6.95 -14.01 -1.00
N PRO A 7 -7.98 -13.61 -0.23
CA PRO A 7 -9.35 -14.09 -0.48
C PRO A 7 -9.87 -13.61 -1.85
N LYS A 8 -9.41 -12.44 -2.31
CA LYS A 8 -9.64 -11.99 -3.71
C LYS A 8 -8.40 -11.25 -4.21
N ASP A 9 -8.07 -11.48 -5.47
CA ASP A 9 -6.86 -11.01 -6.18
C ASP A 9 -7.23 -9.88 -7.14
N LEU A 10 -8.51 -9.50 -7.18
CA LEU A 10 -9.03 -8.41 -8.04
C LEU A 10 -10.07 -7.58 -7.27
N TYR A 11 -9.80 -6.30 -7.11
CA TYR A 11 -10.73 -5.30 -6.51
C TYR A 11 -11.05 -4.24 -7.56
N VAL A 12 -12.34 -4.08 -7.84
CA VAL A 12 -12.87 -2.91 -8.58
C VAL A 12 -13.37 -1.93 -7.54
N VAL A 13 -12.77 -0.75 -7.52
CA VAL A 13 -12.93 0.29 -6.47
C VAL A 13 -13.44 1.58 -7.12
N GLU A 14 -14.32 2.29 -6.45
CA GLU A 14 -14.95 3.53 -6.96
C GLU A 14 -14.05 4.70 -6.56
N TYR A 15 -13.76 5.56 -7.52
CA TYR A 15 -12.94 6.77 -7.32
C TYR A 15 -13.45 7.48 -6.07
N GLY A 16 -12.55 7.84 -5.17
CA GLY A 16 -12.86 8.65 -3.97
C GLY A 16 -13.29 7.81 -2.78
N SER A 17 -13.53 6.51 -2.97
CA SER A 17 -13.89 5.55 -1.90
C SER A 17 -12.69 5.29 -1.00
N ASN A 18 -12.92 4.46 0.01
CA ASN A 18 -11.85 3.83 0.80
C ASN A 18 -11.85 2.37 0.40
N MET A 19 -10.67 1.78 0.26
CA MET A 19 -10.58 0.33 0.03
C MET A 19 -9.76 -0.28 1.16
N THR A 20 -10.12 -1.50 1.45
CA THR A 20 -9.37 -2.42 2.30
C THR A 20 -9.02 -3.62 1.44
N ILE A 21 -7.72 -3.91 1.28
CA ILE A 21 -7.29 -5.13 0.53
C ILE A 21 -6.58 -6.03 1.53
N GLU A 22 -6.88 -7.31 1.49
CA GLU A 22 -6.56 -8.27 2.57
C GLU A 22 -5.47 -9.23 2.12
N CYS A 23 -4.44 -9.44 2.95
CA CYS A 23 -3.55 -10.64 2.96
C CYS A 23 -3.79 -11.41 4.25
N LYS A 24 -4.04 -12.73 4.10
CA LYS A 24 -4.24 -13.67 5.23
C LYS A 24 -2.94 -14.46 5.40
N PHE A 25 -2.46 -14.57 6.64
CA PHE A 25 -1.28 -15.40 7.01
C PHE A 25 -1.57 -16.17 8.29
N PRO A 26 -1.01 -17.40 8.47
CA PRO A 26 -1.30 -18.22 9.64
C PRO A 26 -0.79 -17.62 10.95
N VAL A 27 -1.66 -17.61 11.96
CA VAL A 27 -1.28 -17.16 13.30
C VAL A 27 -1.94 -18.15 14.26
N GLU A 28 -1.13 -18.87 15.04
CA GLU A 28 -1.69 -19.94 15.92
C GLU A 28 -2.06 -19.31 17.27
N LYS A 29 -1.07 -19.00 18.09
CA LYS A 29 -1.38 -18.47 19.44
C LYS A 29 -1.17 -16.98 19.42
N GLN A 30 -0.89 -16.38 20.58
CA GLN A 30 -0.54 -14.94 20.56
C GLN A 30 0.62 -14.78 19.56
N LEU A 31 0.61 -13.71 18.73
CA LEU A 31 1.69 -13.50 17.72
C LEU A 31 2.88 -12.77 18.37
N ASP A 32 4.10 -13.19 18.00
CA ASP A 32 5.35 -12.44 18.28
C ASP A 32 5.33 -11.25 17.31
N LEU A 33 4.82 -10.12 17.80
CA LEU A 33 4.73 -8.82 17.08
C LEU A 33 6.11 -8.43 16.55
N ALA A 34 7.16 -8.79 17.29
CA ALA A 34 8.57 -8.47 16.99
C ALA A 34 9.01 -9.18 15.70
N ALA A 35 8.78 -10.50 15.64
CA ALA A 35 9.07 -11.40 14.51
C ALA A 35 8.32 -10.97 13.23
N LEU A 36 7.11 -10.44 13.37
CA LEU A 36 6.23 -10.17 12.20
C LEU A 36 6.84 -9.05 11.35
N ILE A 37 6.90 -9.31 10.05
CA ILE A 37 7.21 -8.26 9.04
C ILE A 37 6.11 -8.26 7.99
N VAL A 38 5.58 -7.06 7.75
CA VAL A 38 4.63 -6.84 6.65
C VAL A 38 5.15 -5.70 5.77
N TYR A 39 5.28 -5.98 4.47
CA TYR A 39 5.45 -4.93 3.45
C TYR A 39 4.18 -4.89 2.58
N TRP A 40 3.74 -3.69 2.22
CA TRP A 40 2.84 -3.45 1.06
C TRP A 40 3.52 -2.54 0.06
N GLU A 41 3.51 -2.95 -1.21
CA GLU A 41 4.05 -2.17 -2.34
C GLU A 41 3.03 -2.16 -3.50
N MET A 42 2.98 -1.04 -4.20
CA MET A 42 2.36 -0.96 -5.54
C MET A 42 3.45 -0.60 -6.55
N GLU A 43 3.78 -1.55 -7.42
CA GLU A 43 4.84 -1.41 -8.46
C GLU A 43 6.13 -1.06 -7.70
N ASP A 44 6.74 0.11 -7.89
CA ASP A 44 8.02 0.40 -7.19
C ASP A 44 7.77 1.24 -5.93
N LYS A 45 6.52 1.55 -5.60
CA LYS A 45 6.23 2.46 -4.45
C LYS A 45 6.08 1.62 -3.17
N ASN A 46 6.70 2.06 -2.07
CA ASN A 46 6.51 1.43 -0.75
C ASN A 46 5.31 2.11 -0.09
N ILE A 47 4.39 1.33 0.47
CA ILE A 47 3.14 1.85 1.09
C ILE A 47 3.26 1.66 2.59
N ILE A 48 3.49 0.43 3.01
CA ILE A 48 3.58 0.05 4.45
C ILE A 48 4.83 -0.80 4.64
N GLN A 49 5.63 -0.45 5.63
CA GLN A 49 6.82 -1.23 6.06
C GLN A 49 6.67 -1.40 7.58
N PHE A 50 6.15 -2.56 8.01
CA PHE A 50 5.87 -2.83 9.43
C PHE A 50 6.92 -3.84 9.92
N VAL A 51 7.78 -3.41 10.84
CA VAL A 51 8.93 -4.20 11.41
C VAL A 51 9.12 -3.87 12.90
N HIS A 52 9.35 -4.88 13.75
CA HIS A 52 9.52 -4.67 15.21
C HIS A 52 8.30 -3.91 15.74
N GLY A 53 7.09 -4.33 15.33
CA GLY A 53 5.78 -3.84 15.80
C GLY A 53 5.51 -2.36 15.54
N GLU A 54 6.09 -1.77 14.49
CA GLU A 54 5.98 -0.31 14.23
C GLU A 54 6.11 -0.12 12.71
N GLU A 55 5.66 1.03 12.21
CA GLU A 55 5.79 1.44 10.78
C GLU A 55 7.01 2.35 10.64
N ASP A 56 7.77 2.20 9.55
CA ASP A 56 8.79 3.17 9.10
C ASP A 56 8.12 4.08 8.05
N LEU A 57 7.72 5.28 8.46
CA LEU A 57 7.06 6.27 7.56
C LEU A 57 8.10 6.87 6.61
N LYS A 58 9.36 6.95 7.03
CA LYS A 58 10.44 7.62 6.27
C LYS A 58 10.62 6.98 4.88
N VAL A 59 10.10 5.75 4.66
CA VAL A 59 10.34 4.94 3.43
C VAL A 59 9.08 4.93 2.53
N GLN A 60 7.92 5.35 3.05
CA GLN A 60 6.62 5.41 2.33
C GLN A 60 6.67 6.46 1.20
N HIS A 61 6.25 6.08 -0.01
CA HIS A 61 6.11 7.04 -1.13
C HIS A 61 5.12 8.13 -0.69
N SER A 62 5.40 9.38 -1.04
CA SER A 62 4.61 10.57 -0.62
C SER A 62 3.13 10.42 -1.04
N SER A 63 2.86 9.83 -2.20
CA SER A 63 1.49 9.73 -2.78
C SER A 63 0.59 8.90 -1.88
N TYR A 64 1.15 8.16 -0.91
CA TYR A 64 0.42 7.29 0.04
C TYR A 64 0.51 7.88 1.44
N ARG A 65 0.89 9.16 1.56
CA ARG A 65 1.10 9.79 2.89
C ARG A 65 -0.25 10.23 3.44
N GLN A 66 -0.56 9.80 4.67
CA GLN A 66 -1.74 10.26 5.44
C GLN A 66 -2.95 9.43 4.99
N ARG A 67 -2.85 8.70 3.87
CA ARG A 67 -4.03 8.04 3.25
C ARG A 67 -3.89 6.52 3.38
N ALA A 68 -2.77 6.00 3.86
CA ALA A 68 -2.54 4.54 3.97
C ALA A 68 -2.26 4.15 5.42
N ARG A 69 -2.89 3.08 5.88
CA ARG A 69 -2.74 2.54 7.24
C ARG A 69 -2.85 1.03 7.16
N LEU A 70 -2.01 0.35 7.93
CA LEU A 70 -2.16 -1.09 8.24
C LEU A 70 -3.05 -1.18 9.47
N LEU A 71 -4.08 -2.01 9.39
CA LEU A 71 -5.07 -2.25 10.46
C LEU A 71 -4.45 -3.21 11.48
N LYS A 72 -3.94 -2.70 12.61
CA LYS A 72 -3.02 -3.45 13.52
C LYS A 72 -3.82 -4.45 14.38
N ASP A 73 -5.12 -4.18 14.58
CA ASP A 73 -6.06 -5.03 15.36
C ASP A 73 -6.25 -6.34 14.60
N GLN A 74 -6.35 -6.25 13.28
CA GLN A 74 -6.47 -7.39 12.32
C GLN A 74 -5.23 -8.30 12.37
N LEU A 75 -4.07 -7.75 12.75
CA LEU A 75 -2.77 -8.48 12.67
C LEU A 75 -2.86 -9.73 13.56
N SER A 76 -3.52 -9.59 14.71
CA SER A 76 -3.74 -10.67 15.72
C SER A 76 -4.56 -11.81 15.12
N LEU A 77 -5.43 -11.56 14.14
CA LEU A 77 -6.31 -12.61 13.58
C LEU A 77 -5.73 -13.13 12.26
N GLY A 78 -4.43 -12.94 12.02
CA GLY A 78 -3.73 -13.40 10.81
C GLY A 78 -4.11 -12.58 9.59
N ASN A 79 -4.45 -11.30 9.78
CA ASN A 79 -4.98 -10.43 8.69
C ASN A 79 -4.09 -9.18 8.53
N ALA A 80 -3.51 -9.04 7.34
CA ALA A 80 -2.65 -7.91 6.98
C ALA A 80 -3.43 -7.02 6.01
N ALA A 81 -4.45 -6.34 6.49
CA ALA A 81 -5.38 -5.60 5.63
C ALA A 81 -4.80 -4.21 5.42
N LEU A 82 -4.62 -3.81 4.16
CA LEU A 82 -4.22 -2.42 3.82
C LEU A 82 -5.47 -1.64 3.48
N GLN A 83 -5.67 -0.52 4.15
CA GLN A 83 -6.76 0.43 3.88
C GLN A 83 -6.11 1.65 3.24
N ILE A 84 -6.68 2.10 2.13
CA ILE A 84 -6.26 3.35 1.42
C ILE A 84 -7.47 4.27 1.35
N THR A 85 -7.31 5.51 1.79
CA THR A 85 -8.41 6.51 1.78
C THR A 85 -8.32 7.30 0.47
N ASP A 86 -9.50 7.70 -0.03
CA ASP A 86 -9.66 8.70 -1.11
C ASP A 86 -8.95 8.18 -2.37
N VAL A 87 -9.35 6.99 -2.80
CA VAL A 87 -8.68 6.27 -3.91
C VAL A 87 -8.85 7.07 -5.21
N LYS A 88 -7.77 7.28 -5.96
CA LYS A 88 -7.77 7.96 -7.29
C LYS A 88 -7.30 6.98 -8.37
N LEU A 89 -7.20 7.42 -9.63
CA LEU A 89 -6.84 6.53 -10.77
C LEU A 89 -5.38 6.06 -10.65
N GLN A 90 -4.54 6.84 -9.98
CA GLN A 90 -3.08 6.57 -9.78
C GLN A 90 -2.93 5.37 -8.83
N ASP A 91 -3.98 5.00 -8.09
CA ASP A 91 -3.94 3.87 -7.13
C ASP A 91 -4.31 2.58 -7.85
N ALA A 92 -4.75 2.66 -9.08
CA ALA A 92 -4.97 1.46 -9.91
C ALA A 92 -3.60 0.83 -10.16
N GLY A 93 -3.52 -0.49 -10.15
CA GLY A 93 -2.26 -1.20 -10.39
C GLY A 93 -2.22 -2.48 -9.59
N VAL A 94 -1.05 -3.11 -9.55
CA VAL A 94 -0.84 -4.42 -8.89
C VAL A 94 -0.16 -4.13 -7.56
N TYR A 95 -0.77 -4.66 -6.49
CA TYR A 95 -0.30 -4.54 -5.10
C TYR A 95 0.35 -5.87 -4.74
N ARG A 96 1.44 -5.78 -3.97
CA ARG A 96 2.05 -6.98 -3.34
C ARG A 96 2.05 -6.76 -1.83
N CYS A 97 1.48 -7.70 -1.09
CA CYS A 97 1.74 -7.80 0.36
C CYS A 97 2.83 -8.85 0.55
N MET A 98 3.74 -8.58 1.47
CA MET A 98 4.86 -9.50 1.75
C MET A 98 4.86 -9.74 3.26
N ILE A 99 4.78 -10.99 3.67
CA ILE A 99 4.79 -11.31 5.13
C ILE A 99 5.92 -12.29 5.46
N SER A 100 6.59 -12.02 6.58
CA SER A 100 7.58 -12.94 7.16
C SER A 100 7.08 -13.25 8.58
N TYR A 101 6.74 -14.50 8.85
CA TYR A 101 6.27 -14.95 10.19
C TYR A 101 6.41 -16.48 10.25
N GLY A 102 7.58 -16.99 10.62
CA GLY A 102 7.82 -18.44 10.60
C GLY A 102 7.91 -18.86 9.16
N GLY A 103 8.60 -18.05 8.36
CA GLY A 103 8.58 -18.24 6.91
C GLY A 103 8.05 -16.99 6.22
N ALA A 104 8.20 -16.95 4.90
CA ALA A 104 8.07 -15.73 4.07
C ALA A 104 7.40 -16.07 2.74
N ASP A 105 6.28 -15.40 2.45
CA ASP A 105 5.54 -15.48 1.17
C ASP A 105 4.98 -14.10 0.82
N TYR A 106 4.60 -13.93 -0.44
CA TYR A 106 3.97 -12.71 -1.01
C TYR A 106 2.78 -13.12 -1.89
N LYS A 107 1.83 -12.21 -2.04
CA LYS A 107 0.75 -12.34 -3.05
C LYS A 107 0.56 -11.02 -3.79
N ARG A 108 0.15 -11.13 -5.05
CA ARG A 108 -0.19 -10.00 -5.94
C ARG A 108 -1.70 -9.77 -5.83
N ILE A 109 -2.14 -8.52 -5.79
CA ILE A 109 -3.58 -8.17 -5.93
C ILE A 109 -3.73 -7.06 -6.97
N THR A 110 -4.67 -7.23 -7.90
CA THR A 110 -4.96 -6.19 -8.94
C THR A 110 -6.06 -5.29 -8.38
N VAL A 111 -5.80 -3.99 -8.34
CA VAL A 111 -6.84 -2.95 -8.08
C VAL A 111 -7.15 -2.20 -9.38
N LYS A 112 -8.43 -2.18 -9.77
CA LYS A 112 -8.97 -1.33 -10.85
C LYS A 112 -9.78 -0.19 -10.20
N VAL A 113 -9.73 1.00 -10.79
CA VAL A 113 -10.47 2.18 -10.27
C VAL A 113 -11.52 2.59 -11.30
N ASN A 114 -12.77 2.66 -10.84
CA ASN A 114 -13.91 3.04 -11.70
C ASN A 114 -14.23 4.50 -11.39
N ALA A 115 -14.22 5.36 -12.41
CA ALA A 115 -14.37 6.82 -12.23
C ALA A 115 -15.58 7.30 -13.01
N PRO A 116 -16.81 7.15 -12.45
CA PRO A 116 -18.04 7.51 -13.16
C PRO A 116 -18.31 9.03 -13.19
N TYR A 117 -19.13 9.45 -14.15
CA TYR A 117 -19.58 10.84 -14.36
C TYR A 117 -20.83 11.01 -13.50
N ASN A 118 -20.70 10.75 -12.21
CA ASN A 118 -21.86 10.68 -11.30
C ASN A 118 -22.15 12.06 -10.72
N LYS A 119 -21.25 13.02 -10.92
CA LYS A 119 -21.34 14.41 -10.38
C LYS A 119 -21.46 15.41 -11.53
N ILE A 120 -22.56 16.14 -11.60
CA ILE A 120 -22.89 17.00 -12.77
C ILE A 120 -23.18 18.44 -12.32
N ASN A 121 -22.32 19.35 -12.75
CA ASN A 121 -22.51 20.82 -12.62
C ASN A 121 -23.35 21.26 -13.80
N GLN A 122 -24.22 22.23 -13.57
CA GLN A 122 -25.14 22.72 -14.63
C GLN A 122 -25.17 24.25 -14.56
N ARG A 123 -25.55 24.88 -15.66
CA ARG A 123 -25.69 26.36 -15.75
C ARG A 123 -26.61 26.70 -16.91
N ILE A 124 -27.58 27.55 -16.63
CA ILE A 124 -28.58 28.04 -17.61
C ILE A 124 -28.43 29.56 -17.76
N LEU A 125 -27.96 30.04 -18.91
CA LEU A 125 -27.85 31.50 -19.24
C LEU A 125 -28.81 31.80 -20.38
N VAL A 126 -29.56 32.92 -20.28
CA VAL A 126 -30.33 33.49 -21.41
C VAL A 126 -29.29 34.07 -22.37
N VAL A 127 -29.43 33.85 -23.67
CA VAL A 127 -28.54 34.47 -24.71
C VAL A 127 -29.19 35.78 -25.16
N ASP A 128 -30.49 35.75 -25.45
CA ASP A 128 -31.32 36.89 -25.91
C ASP A 128 -32.73 36.71 -25.35
N PRO A 129 -33.18 37.58 -24.41
CA PRO A 129 -34.53 37.45 -23.86
C PRO A 129 -35.64 37.57 -24.92
N VAL A 130 -35.36 38.23 -26.03
CA VAL A 130 -36.39 38.47 -27.10
C VAL A 130 -36.74 37.13 -27.77
N THR A 131 -35.78 36.48 -28.45
CA THR A 131 -35.99 35.14 -29.08
C THR A 131 -36.26 34.08 -28.01
N SER A 132 -35.88 34.34 -26.75
CA SER A 132 -35.97 33.42 -25.59
C SER A 132 -34.97 32.27 -25.82
N GLU A 133 -33.84 32.58 -26.46
CA GLU A 133 -32.71 31.66 -26.65
C GLU A 133 -31.90 31.58 -25.35
N HIS A 134 -31.69 30.34 -24.91
CA HIS A 134 -30.90 29.96 -23.70
C HIS A 134 -29.76 29.04 -24.08
N GLU A 135 -28.71 29.09 -23.27
CA GLU A 135 -27.50 28.26 -23.31
C GLU A 135 -27.54 27.38 -22.07
N LEU A 136 -27.80 26.07 -22.22
CA LEU A 136 -27.75 25.07 -21.11
C LEU A 136 -26.38 24.40 -21.16
N THR A 137 -25.71 24.29 -20.03
CA THR A 137 -24.38 23.64 -19.96
C THR A 137 -24.43 22.64 -18.81
N CYS A 138 -24.00 21.42 -19.08
CA CYS A 138 -23.68 20.39 -18.05
C CYS A 138 -22.19 20.09 -18.13
N GLN A 139 -21.52 19.87 -17.01
CA GLN A 139 -20.15 19.32 -17.07
C GLN A 139 -19.99 18.28 -15.97
N ALA A 140 -19.15 17.30 -16.26
CA ALA A 140 -18.75 16.24 -15.30
C ALA A 140 -17.36 15.71 -15.66
N GLU A 141 -16.67 15.15 -14.69
CA GLU A 141 -15.34 14.55 -14.93
C GLU A 141 -15.42 13.04 -14.67
N GLY A 142 -14.69 12.24 -15.42
CA GLY A 142 -14.69 10.79 -15.23
C GLY A 142 -13.73 10.12 -16.18
N TYR A 143 -13.77 8.80 -16.23
CA TYR A 143 -12.89 7.99 -17.10
C TYR A 143 -13.61 6.70 -17.38
N PRO A 144 -13.65 6.21 -18.64
CA PRO A 144 -13.01 6.92 -19.73
C PRO A 144 -13.77 8.12 -20.31
N LYS A 145 -13.94 8.18 -21.62
CA LYS A 145 -14.59 9.31 -22.32
C LYS A 145 -16.11 9.10 -22.30
N ALA A 146 -16.87 10.20 -22.31
CA ALA A 146 -18.36 10.17 -22.31
C ALA A 146 -18.92 11.02 -23.45
N GLU A 147 -19.99 10.54 -24.09
CA GLU A 147 -20.86 11.43 -24.90
C GLU A 147 -21.93 12.03 -23.98
N VAL A 148 -22.47 13.18 -24.40
CA VAL A 148 -23.60 13.84 -23.71
C VAL A 148 -24.80 13.78 -24.64
N ILE A 149 -25.88 13.20 -24.16
CA ILE A 149 -27.19 13.20 -24.87
C ILE A 149 -28.11 14.19 -24.14
N TRP A 150 -28.54 15.19 -24.90
CA TRP A 150 -29.56 16.20 -24.53
C TRP A 150 -30.95 15.68 -24.90
N THR A 151 -31.90 15.71 -23.96
CA THR A 151 -33.30 15.31 -24.25
C THR A 151 -34.25 16.39 -23.78
N SER A 152 -35.35 16.53 -24.50
CA SER A 152 -36.49 17.41 -24.16
C SER A 152 -37.24 16.74 -23.00
N SER A 153 -38.21 17.42 -22.39
CA SER A 153 -39.08 16.82 -21.34
C SER A 153 -39.87 15.61 -21.88
N ASP A 154 -40.14 15.52 -23.20
CA ASP A 154 -40.82 14.34 -23.81
C ASP A 154 -39.80 13.29 -24.28
N HIS A 155 -38.53 13.46 -23.89
CA HIS A 155 -37.41 12.50 -24.11
C HIS A 155 -37.07 12.41 -25.60
N GLN A 156 -37.23 13.50 -26.37
CA GLN A 156 -36.73 13.59 -27.77
C GLN A 156 -35.29 14.06 -27.73
N VAL A 157 -34.44 13.56 -28.61
CA VAL A 157 -32.97 13.86 -28.60
C VAL A 157 -32.74 15.23 -29.24
N LEU A 158 -32.00 16.11 -28.57
CA LEU A 158 -31.60 17.43 -29.12
C LEU A 158 -30.09 17.41 -29.34
N SER A 159 -29.57 18.33 -30.18
CA SER A 159 -28.14 18.40 -30.60
C SER A 159 -27.45 19.50 -29.81
N GLY A 160 -26.41 19.11 -29.12
CA GLY A 160 -25.57 19.98 -28.30
C GLY A 160 -24.17 19.85 -28.85
N LYS A 161 -23.25 20.61 -28.31
CA LYS A 161 -21.84 20.60 -28.73
C LYS A 161 -21.07 20.19 -27.49
N THR A 162 -20.33 19.11 -27.62
CA THR A 162 -19.53 18.57 -26.51
C THR A 162 -18.08 18.97 -26.69
N THR A 163 -17.43 19.25 -25.58
CA THR A 163 -16.00 19.58 -25.51
C THR A 163 -15.39 18.66 -24.46
N THR A 164 -14.41 17.86 -24.87
CA THR A 164 -13.63 16.96 -24.00
C THR A 164 -12.19 17.46 -23.87
N THR A 165 -11.78 17.80 -22.66
CA THR A 165 -10.39 18.21 -22.29
C THR A 165 -9.86 17.29 -21.19
N ASN A 166 -8.54 17.18 -21.05
CA ASN A 166 -7.95 16.48 -19.88
C ASN A 166 -8.23 17.33 -18.65
N SER A 167 -8.74 16.73 -17.58
CA SER A 167 -9.01 17.43 -16.30
C SER A 167 -7.76 18.20 -15.91
N LYS A 168 -7.94 19.38 -15.35
CA LYS A 168 -6.85 20.20 -14.76
C LYS A 168 -6.84 19.99 -13.24
N ARG A 169 -7.99 19.63 -12.67
CA ARG A 169 -8.19 19.43 -11.20
C ARG A 169 -7.56 18.09 -10.76
N GLU A 170 -7.47 17.10 -11.66
CA GLU A 170 -6.86 15.78 -11.38
C GLU A 170 -6.12 15.30 -12.64
N GLU A 171 -5.86 13.99 -12.68
CA GLU A 171 -5.03 13.43 -13.75
C GLU A 171 -5.73 12.25 -14.40
N LYS A 172 -5.53 12.07 -15.70
CA LYS A 172 -6.12 10.93 -16.46
C LYS A 172 -7.63 11.06 -16.53
N LEU A 173 -8.20 11.97 -15.75
CA LEU A 173 -9.66 12.17 -15.72
C LEU A 173 -10.03 13.12 -16.85
N PHE A 174 -11.06 12.79 -17.59
CA PHE A 174 -11.58 13.67 -18.68
C PHE A 174 -12.56 14.68 -18.08
N ASN A 175 -12.55 15.92 -18.56
CA ASN A 175 -13.51 16.98 -18.20
C ASN A 175 -14.42 17.16 -19.40
N VAL A 176 -15.69 16.81 -19.26
CA VAL A 176 -16.65 16.81 -20.41
C VAL A 176 -17.70 17.89 -20.19
N THR A 177 -17.92 18.68 -21.23
CA THR A 177 -18.78 19.88 -21.28
C THR A 177 -19.66 19.69 -22.49
N SER A 178 -20.96 19.89 -22.34
CA SER A 178 -21.87 19.99 -23.50
C SER A 178 -22.79 21.16 -23.26
N THR A 179 -23.02 21.94 -24.29
CA THR A 179 -23.98 23.06 -24.25
C THR A 179 -25.00 22.86 -25.36
N LEU A 180 -26.24 23.16 -25.01
CA LEU A 180 -27.45 23.17 -25.85
C LEU A 180 -27.89 24.63 -25.99
N ARG A 181 -27.98 25.13 -27.21
CA ARG A 181 -28.59 26.45 -27.51
C ARG A 181 -30.00 26.17 -28.00
N ILE A 182 -31.00 26.68 -27.31
CA ILE A 182 -32.40 26.39 -27.68
C ILE A 182 -33.28 27.57 -27.23
N ASN A 183 -34.30 27.85 -28.02
CA ASN A 183 -35.37 28.81 -27.67
C ASN A 183 -36.34 28.03 -26.77
N THR A 184 -36.51 28.52 -25.56
CA THR A 184 -37.30 27.83 -24.53
C THR A 184 -37.92 28.87 -23.60
N THR A 185 -38.88 28.42 -22.79
CA THR A 185 -39.71 29.21 -21.86
C THR A 185 -39.49 28.72 -20.42
N THR A 186 -39.70 29.62 -19.45
CA THR A 186 -39.67 29.36 -18.00
C THR A 186 -40.39 28.05 -17.65
N ASN A 187 -39.75 27.22 -16.83
CA ASN A 187 -40.25 25.94 -16.22
C ASN A 187 -40.19 24.77 -17.20
N GLU A 188 -39.80 24.98 -18.46
CA GLU A 188 -39.52 23.84 -19.35
C GLU A 188 -38.31 23.09 -18.77
N ILE A 189 -38.35 21.77 -18.94
CA ILE A 189 -37.31 20.85 -18.40
C ILE A 189 -36.51 20.25 -19.55
N PHE A 190 -35.21 20.17 -19.33
CA PHE A 190 -34.24 19.48 -20.20
C PHE A 190 -33.42 18.52 -19.35
N TYR A 191 -32.97 17.45 -19.98
CA TYR A 191 -32.05 16.45 -19.38
C TYR A 191 -30.77 16.36 -20.21
N CYS A 192 -29.64 16.35 -19.52
CA CYS A 192 -28.37 15.94 -20.13
C CYS A 192 -27.93 14.62 -19.48
N THR A 193 -27.66 13.62 -20.31
CA THR A 193 -27.19 12.29 -19.86
C THR A 193 -25.73 12.08 -20.26
N PHE A 194 -24.85 11.85 -19.28
CA PHE A 194 -23.46 11.41 -19.54
C PHE A 194 -23.44 9.88 -19.66
N ARG A 195 -23.01 9.40 -20.81
CA ARG A 195 -22.99 7.97 -21.18
C ARG A 195 -21.54 7.61 -21.51
N ARG A 196 -20.87 6.90 -20.62
CA ARG A 196 -19.46 6.51 -20.82
C ARG A 196 -19.34 5.62 -22.06
N LEU A 197 -18.23 5.70 -22.78
CA LEU A 197 -17.99 4.98 -24.06
C LEU A 197 -17.00 3.83 -23.84
N ASP A 198 -17.39 2.58 -24.17
CA ASP A 198 -16.51 1.43 -24.52
C ASP A 198 -16.85 0.10 -23.83
N GLU A 201 -22.92 2.90 -18.26
CA GLU A 201 -23.69 3.61 -17.19
C GLU A 201 -24.06 5.03 -17.71
N ASN A 202 -25.18 5.52 -17.21
CA ASN A 202 -25.95 6.69 -17.69
C ASN A 202 -26.21 7.54 -16.46
N HIS A 203 -25.66 8.74 -16.42
CA HIS A 203 -25.93 9.73 -15.35
C HIS A 203 -26.61 10.94 -15.97
N THR A 204 -27.76 11.29 -15.41
CA THR A 204 -28.72 12.26 -15.94
C THR A 204 -28.84 13.39 -14.93
N ALA A 205 -28.83 14.62 -15.41
CA ALA A 205 -29.19 15.82 -14.63
C ALA A 205 -30.42 16.45 -15.29
N GLU A 206 -31.24 17.06 -14.45
CA GLU A 206 -32.48 17.80 -14.77
C GLU A 206 -32.16 19.29 -14.79
N LEU A 207 -32.38 19.96 -15.93
CA LEU A 207 -32.22 21.42 -16.02
C LEU A 207 -33.60 22.04 -16.22
N VAL A 208 -33.97 22.94 -15.30
CA VAL A 208 -35.28 23.66 -15.27
C VAL A 208 -34.99 25.10 -15.68
N ILE A 209 -35.66 25.57 -16.73
CA ILE A 209 -35.49 26.97 -17.23
C ILE A 209 -36.06 27.90 -16.17
N PRO A 210 -35.22 28.82 -15.65
CA PRO A 210 -35.68 29.83 -14.70
C PRO A 210 -36.34 31.03 -15.41
N GLU A 211 -36.97 31.92 -14.61
CA GLU A 211 -37.49 33.23 -15.08
C GLU A 211 -36.31 34.01 -15.66
N LEU A 212 -36.59 34.82 -16.69
CA LEU A 212 -35.62 35.80 -17.26
C LEU A 212 -35.16 36.70 -16.12
N PRO A 213 -33.84 36.96 -15.96
CA PRO A 213 -33.36 37.85 -14.93
C PRO A 213 -33.73 39.30 -15.30
N LEU A 214 -34.15 40.10 -14.31
CA LEU A 214 -34.61 41.51 -14.47
C LEU A 214 -33.44 42.45 -14.17
N ALA A 215 -32.39 41.97 -13.49
CA ALA A 215 -31.11 42.67 -13.29
C ALA A 215 -30.16 42.28 -14.44
N HIS A 216 -30.21 43.04 -15.54
CA HIS A 216 -29.44 42.87 -16.81
C HIS A 216 -29.20 44.25 -17.45
N PRO A 217 -28.00 44.52 -18.02
CA PRO A 217 -27.76 45.77 -18.76
C PRO A 217 -28.57 45.80 -20.05
N PRO A 218 -28.56 46.92 -20.82
CA PRO A 218 -28.96 46.90 -22.23
C PRO A 218 -28.15 45.90 -23.08
N GLU B 2 19.59 -15.09 -5.19
CA GLU B 2 19.99 -16.07 -4.13
C GLU B 2 21.18 -15.51 -3.33
N VAL B 3 21.20 -15.76 -2.01
CA VAL B 3 22.17 -15.19 -1.03
C VAL B 3 22.71 -16.33 -0.17
N GLN B 4 23.99 -16.25 0.18
CA GLN B 4 24.66 -17.17 1.13
C GLN B 4 25.03 -16.37 2.40
N LEU B 5 24.82 -16.97 3.57
CA LEU B 5 25.18 -16.42 4.88
C LEU B 5 26.18 -17.39 5.51
N VAL B 6 27.35 -16.90 5.90
CA VAL B 6 28.38 -17.74 6.54
C VAL B 6 28.67 -17.10 7.90
N GLU B 7 28.28 -17.81 8.95
CA GLU B 7 28.49 -17.37 10.35
C GLU B 7 29.88 -17.80 10.76
N SER B 8 30.50 -17.03 11.63
CA SER B 8 31.80 -17.39 12.23
C SER B 8 31.91 -16.80 13.64
N GLY B 9 32.85 -17.32 14.45
CA GLY B 9 33.31 -16.74 15.73
C GLY B 9 32.96 -17.64 16.90
N GLY B 10 32.09 -18.62 16.66
CA GLY B 10 31.66 -19.58 17.68
C GLY B 10 32.85 -20.27 18.32
N GLY B 11 32.68 -20.76 19.53
CA GLY B 11 33.70 -21.51 20.25
C GLY B 11 33.40 -21.58 21.73
N LEU B 12 34.44 -21.81 22.51
CA LEU B 12 34.37 -22.18 23.93
C LEU B 12 34.74 -20.95 24.74
N VAL B 13 33.81 -20.42 25.51
CA VAL B 13 34.06 -19.26 26.37
C VAL B 13 33.50 -19.62 27.75
N GLN B 14 34.10 -19.08 28.81
CA GLN B 14 33.66 -19.32 30.20
C GLN B 14 32.69 -18.21 30.61
N ALA B 15 31.83 -18.50 31.59
CA ALA B 15 30.74 -17.60 32.01
C ALA B 15 31.37 -16.27 32.45
N GLY B 16 30.73 -15.15 32.09
CA GLY B 16 31.22 -13.79 32.33
C GLY B 16 32.08 -13.30 31.19
N GLY B 17 32.50 -14.23 30.32
CA GLY B 17 33.31 -13.91 29.13
C GLY B 17 32.53 -13.19 28.02
N SER B 18 33.15 -13.01 26.87
CA SER B 18 32.49 -12.25 25.78
C SER B 18 33.03 -12.74 24.44
N LEU B 19 32.21 -12.60 23.40
CA LEU B 19 32.67 -12.85 22.01
C LEU B 19 31.80 -12.13 20.99
N ARG B 20 32.37 -11.94 19.79
CA ARG B 20 31.69 -11.35 18.61
C ARG B 20 31.44 -12.47 17.59
N LEU B 21 30.19 -12.66 17.22
CA LEU B 21 29.85 -13.49 16.06
C LEU B 21 29.85 -12.59 14.83
N SER B 22 30.22 -13.16 13.69
CA SER B 22 30.17 -12.46 12.39
C SER B 22 29.37 -13.33 11.44
N CYS B 23 28.60 -12.69 10.57
CA CYS B 23 27.95 -13.35 9.44
C CYS B 23 28.37 -12.58 8.20
N ALA B 24 29.01 -13.27 7.25
CA ALA B 24 29.36 -12.72 5.91
C ALA B 24 28.24 -13.07 4.94
N ALA B 25 27.55 -12.05 4.40
CA ALA B 25 26.50 -12.22 3.37
C ALA B 25 27.05 -11.95 1.96
N SER B 26 27.05 -12.96 1.10
CA SER B 26 27.40 -12.86 -0.34
C SER B 26 26.13 -13.00 -1.20
N GLY B 27 26.04 -12.26 -2.31
CA GLY B 27 24.99 -12.42 -3.34
C GLY B 27 24.09 -11.20 -3.46
N SER B 28 22.80 -11.42 -3.71
CA SER B 28 21.75 -10.38 -3.94
C SER B 28 21.31 -9.79 -2.58
N ILE B 29 22.23 -9.13 -1.87
CA ILE B 29 22.01 -8.49 -0.55
C ILE B 29 21.48 -7.06 -0.80
N SER B 30 21.17 -6.34 0.28
CA SER B 30 20.70 -4.94 0.25
C SER B 30 20.68 -4.38 1.68
N SER B 31 20.95 -3.08 1.85
CA SER B 31 20.82 -2.37 3.14
C SER B 31 19.34 -2.27 3.54
N ARG B 32 18.41 -2.61 2.63
CA ARG B 32 16.94 -2.62 2.87
C ARG B 32 16.53 -3.97 3.48
N ASP B 33 17.39 -5.00 3.41
CA ASP B 33 17.07 -6.34 3.96
C ASP B 33 17.08 -6.28 5.50
N VAL B 34 16.15 -6.92 6.18
CA VAL B 34 16.23 -7.03 7.66
C VAL B 34 17.01 -8.29 7.99
N MET B 35 17.87 -8.21 9.01
CA MET B 35 18.73 -9.38 9.38
C MET B 35 18.60 -9.69 10.87
N ARG B 36 18.93 -10.92 11.20
CA ARG B 36 18.62 -11.48 12.52
C ARG B 36 19.66 -12.52 12.89
N TRP B 37 19.76 -12.72 14.20
CA TRP B 37 20.43 -13.84 14.88
C TRP B 37 19.36 -14.62 15.64
N TYR B 38 19.25 -15.90 15.35
CA TYR B 38 18.46 -16.91 16.06
C TYR B 38 19.45 -17.85 16.74
N ARG B 39 18.99 -18.62 17.72
CA ARG B 39 19.83 -19.66 18.37
C ARG B 39 18.93 -20.84 18.74
N GLN B 40 19.49 -22.03 18.75
CA GLN B 40 18.80 -23.27 19.18
C GLN B 40 19.71 -24.04 20.13
N ALA B 41 19.42 -23.98 21.43
CA ALA B 41 19.95 -24.90 22.47
C ALA B 41 19.53 -26.32 22.13
N PRO B 42 20.24 -27.35 22.64
CA PRO B 42 19.98 -28.73 22.22
C PRO B 42 18.56 -29.16 22.66
N GLY B 43 17.80 -29.78 21.75
CA GLY B 43 16.38 -30.14 21.97
C GLY B 43 15.61 -29.08 22.74
N LYS B 44 15.80 -27.81 22.38
CA LYS B 44 14.90 -26.69 22.75
C LYS B 44 14.38 -26.16 21.41
N GLN B 45 13.48 -25.18 21.39
CA GLN B 45 13.06 -24.64 20.08
C GLN B 45 13.97 -23.44 19.73
N ARG B 46 14.31 -23.32 18.44
CA ARG B 46 14.98 -22.16 17.81
C ARG B 46 14.24 -20.90 18.28
N GLU B 47 14.97 -19.89 18.75
CA GLU B 47 14.39 -18.60 19.16
C GLU B 47 15.15 -17.46 18.49
N LEU B 48 14.46 -16.34 18.36
CA LEU B 48 14.95 -15.04 17.87
C LEU B 48 15.76 -14.41 18.99
N VAL B 49 16.95 -13.95 18.68
CA VAL B 49 17.88 -13.36 19.68
C VAL B 49 17.86 -11.86 19.47
N ALA B 50 18.13 -11.41 18.26
CA ALA B 50 18.30 -9.99 17.92
C ALA B 50 17.90 -9.75 16.47
N SER B 51 17.45 -8.55 16.18
CA SER B 51 16.86 -8.16 14.88
C SER B 51 17.30 -6.75 14.57
N ILE B 52 17.71 -6.53 13.32
CA ILE B 52 18.06 -5.15 12.88
C ILE B 52 17.34 -4.90 11.54
N SER B 53 16.54 -3.82 11.51
CA SER B 53 15.84 -3.26 10.32
C SER B 53 16.83 -2.44 9.50
N SER B 54 16.50 -2.17 8.25
CA SER B 54 17.17 -1.19 7.34
C SER B 54 17.50 0.13 8.05
N GLY B 55 16.53 0.66 8.81
CA GLY B 55 16.67 1.91 9.58
C GLY B 55 17.63 1.79 10.76
N GLY B 56 18.30 0.64 10.94
CA GLY B 56 19.22 0.40 12.08
C GLY B 56 18.46 0.25 13.40
N GLY B 57 17.13 0.09 13.35
CA GLY B 57 16.31 -0.12 14.55
C GLY B 57 16.46 -1.56 15.01
N THR B 58 16.58 -1.81 16.32
CA THR B 58 16.94 -3.14 16.87
C THR B 58 15.84 -3.65 17.80
N TYR B 59 15.62 -4.96 17.79
CA TYR B 59 14.90 -5.71 18.83
C TYR B 59 15.84 -6.77 19.42
N TYR B 60 15.75 -7.00 20.73
CA TYR B 60 16.47 -8.05 21.49
C TYR B 60 15.47 -8.85 22.32
N VAL B 61 15.55 -10.18 22.28
CA VAL B 61 14.82 -11.04 23.26
C VAL B 61 15.19 -10.62 24.69
N ASP B 62 14.27 -10.82 25.64
CA ASP B 62 14.40 -10.28 27.02
C ASP B 62 15.68 -10.82 27.68
N SER B 63 16.01 -12.10 27.49
CA SER B 63 17.12 -12.77 28.18
C SER B 63 18.50 -12.23 27.72
N VAL B 64 18.58 -11.45 26.64
CA VAL B 64 19.91 -10.93 26.18
C VAL B 64 19.93 -9.41 26.20
N LYS B 65 18.82 -8.77 26.56
CA LYS B 65 18.74 -7.28 26.59
C LYS B 65 19.82 -6.77 27.54
N GLY B 66 20.62 -5.81 27.08
CA GLY B 66 21.70 -5.20 27.87
C GLY B 66 23.02 -5.99 27.83
N ARG B 67 23.04 -7.19 27.26
CA ARG B 67 24.28 -8.00 27.19
C ARG B 67 24.73 -8.13 25.73
N PHE B 68 23.80 -8.31 24.78
CA PHE B 68 24.08 -8.54 23.32
C PHE B 68 23.74 -7.28 22.53
N THR B 69 24.53 -7.03 21.48
CA THR B 69 24.37 -5.89 20.55
C THR B 69 24.49 -6.45 19.13
N ILE B 70 23.44 -6.29 18.34
CA ILE B 70 23.45 -6.61 16.89
C ILE B 70 23.83 -5.32 16.16
N SER B 71 24.72 -5.38 15.19
CA SER B 71 25.10 -4.25 14.30
C SER B 71 25.35 -4.82 12.89
N ARG B 72 25.34 -3.95 11.90
CA ARG B 72 25.48 -4.30 10.46
C ARG B 72 26.60 -3.44 9.87
N ASP B 73 27.43 -4.00 9.00
CA ASP B 73 28.34 -3.21 8.11
C ASP B 73 27.91 -3.49 6.67
N ASN B 74 27.18 -2.56 6.07
CA ASN B 74 26.55 -2.71 4.72
C ASN B 74 27.68 -2.78 3.69
N ALA B 75 28.73 -1.96 3.85
CA ALA B 75 29.89 -1.91 2.94
C ALA B 75 30.55 -3.29 2.83
N GLU B 76 30.66 -4.01 3.95
CA GLU B 76 31.39 -5.29 3.97
C GLU B 76 30.39 -6.47 3.97
N ASN B 77 29.08 -6.18 3.86
CA ASN B 77 28.03 -7.21 3.82
C ASN B 77 28.19 -8.14 5.03
N THR B 78 28.35 -7.55 6.20
CA THR B 78 28.64 -8.32 7.43
C THR B 78 27.65 -7.93 8.53
N LEU B 79 27.14 -8.94 9.18
CA LEU B 79 26.31 -8.76 10.39
C LEU B 79 27.13 -9.27 11.58
N TYR B 80 26.97 -8.58 12.72
CA TYR B 80 27.74 -8.80 13.96
C TYR B 80 26.79 -9.08 15.13
N LEU B 81 27.20 -9.92 16.08
CA LEU B 81 26.59 -10.02 17.44
C LEU B 81 27.70 -9.93 18.48
N GLN B 82 27.72 -8.85 19.25
CA GLN B 82 28.60 -8.71 20.42
C GLN B 82 27.86 -9.37 21.59
N MET B 83 28.44 -10.42 22.16
CA MET B 83 27.84 -11.13 23.32
C MET B 83 28.69 -10.87 24.56
N ASN B 84 28.17 -10.07 25.48
CA ASN B 84 28.80 -9.83 26.81
C ASN B 84 28.15 -10.67 27.91
N SER B 85 28.89 -10.84 29.02
CA SER B 85 28.41 -11.44 30.29
C SER B 85 27.73 -12.74 29.94
N LEU B 86 28.46 -13.58 29.21
CA LEU B 86 27.94 -14.89 28.78
C LEU B 86 27.51 -15.72 30.00
N LYS B 87 26.42 -16.47 29.84
CA LYS B 87 25.85 -17.40 30.83
C LYS B 87 25.76 -18.77 30.19
N PRO B 88 25.74 -19.84 30.98
CA PRO B 88 25.71 -21.18 30.41
C PRO B 88 24.50 -21.37 29.47
N GLU B 89 23.36 -20.74 29.76
CA GLU B 89 22.10 -20.85 28.95
C GLU B 89 22.20 -20.07 27.63
N ASP B 90 23.28 -19.32 27.43
CA ASP B 90 23.62 -18.72 26.11
C ASP B 90 24.15 -19.81 25.16
N THR B 91 24.48 -20.98 25.69
CA THR B 91 25.03 -22.11 24.90
C THR B 91 24.03 -22.52 23.82
N ALA B 92 24.43 -22.50 22.56
CA ALA B 92 23.49 -22.77 21.46
C ALA B 92 24.23 -22.75 20.14
N VAL B 93 23.53 -23.19 19.11
CA VAL B 93 23.95 -22.86 17.72
C VAL B 93 23.27 -21.54 17.38
N TYR B 94 24.05 -20.55 16.93
CA TYR B 94 23.58 -19.21 16.51
C TYR B 94 23.49 -19.22 14.99
N TYR B 95 22.35 -18.81 14.45
CA TYR B 95 22.10 -18.77 12.98
C TYR B 95 21.88 -17.32 12.60
N CYS B 96 22.55 -16.93 11.53
CA CYS B 96 22.34 -15.68 10.80
C CYS B 96 21.11 -15.85 9.90
N TRP B 97 20.35 -14.79 9.70
CA TRP B 97 19.08 -14.82 8.95
C TRP B 97 18.92 -13.50 8.21
N ASP B 98 18.40 -13.60 6.98
CA ASP B 98 18.24 -12.43 6.08
C ASP B 98 16.94 -12.58 5.31
N LEU B 99 16.15 -11.50 5.28
CA LEU B 99 14.91 -11.41 4.47
C LEU B 99 15.27 -10.63 3.20
N GLY B 100 15.40 -11.35 2.09
CA GLY B 100 15.69 -10.79 0.75
C GLY B 100 14.44 -10.20 0.13
N HIS B 101 14.61 -9.12 -0.61
CA HIS B 101 13.50 -8.41 -1.31
C HIS B 101 13.94 -8.12 -2.75
N ARG B 102 15.26 -8.05 -3.03
CA ARG B 102 15.86 -7.54 -4.29
C ARG B 102 15.42 -8.42 -5.48
N PRO B 103 15.81 -9.72 -5.63
CA PRO B 103 15.29 -10.49 -6.74
C PRO B 103 13.81 -10.69 -6.41
N TYR B 104 13.54 -11.55 -5.44
CA TYR B 104 12.17 -11.76 -4.93
C TYR B 104 12.16 -11.58 -3.42
N PHE B 105 11.00 -11.75 -2.82
CA PHE B 105 10.81 -11.80 -1.35
C PHE B 105 11.10 -13.21 -0.86
N LYS B 106 12.22 -13.38 -0.14
CA LYS B 106 12.66 -14.69 0.39
C LYS B 106 13.49 -14.45 1.65
N ASP B 107 13.50 -15.40 2.57
CA ASP B 107 14.41 -15.37 3.74
C ASP B 107 15.46 -16.47 3.55
N TYR B 108 16.65 -16.21 4.07
CA TYR B 108 17.82 -17.11 3.96
C TYR B 108 18.40 -17.36 5.35
N TRP B 109 18.95 -18.56 5.52
CA TRP B 109 19.52 -19.08 6.78
C TRP B 109 21.00 -19.39 6.56
N GLY B 110 21.83 -19.12 7.57
CA GLY B 110 23.19 -19.71 7.66
C GLY B 110 23.10 -21.15 8.14
N GLN B 111 24.25 -21.84 8.18
CA GLN B 111 24.36 -23.21 8.73
C GLN B 111 24.59 -23.17 10.24
N GLY B 112 24.97 -22.03 10.80
CA GLY B 112 25.07 -21.83 12.26
C GLY B 112 26.50 -21.94 12.78
N THR B 113 26.73 -21.40 13.97
CA THR B 113 28.04 -21.42 14.66
C THR B 113 27.76 -21.76 16.12
N GLN B 114 28.46 -22.78 16.63
CA GLN B 114 28.27 -23.33 17.99
C GLN B 114 28.90 -22.35 18.98
N VAL B 115 28.12 -21.95 19.96
CA VAL B 115 28.62 -21.25 21.17
C VAL B 115 28.37 -22.12 22.40
N THR B 116 29.45 -22.36 23.15
CA THR B 116 29.51 -23.16 24.38
C THR B 116 30.04 -22.27 25.50
N VAL B 117 29.19 -22.06 26.50
CA VAL B 117 29.55 -21.29 27.72
C VAL B 117 29.74 -22.28 28.86
N SER B 118 31.00 -22.49 29.25
CA SER B 118 31.40 -23.31 30.41
C SER B 118 31.18 -22.49 31.68
N SER B 119 30.84 -23.18 32.76
CA SER B 119 30.62 -22.59 34.10
C SER B 119 31.83 -22.94 34.99
#